data_3IKB
#
_entry.id   3IKB
#
_cell.length_a   66.372
_cell.length_b   66.372
_cell.length_c   197.818
_cell.angle_alpha   90.00
_cell.angle_beta   90.00
_cell.angle_gamma   90.00
#
_symmetry.space_group_name_H-M   'P 43 21 2'
#
loop_
_entity.id
_entity.type
_entity.pdbx_description
1 polymer 'uncharacterized conserved protein'
2 non-polymer 'CITRATE ANION'
3 water water
#
_entity_poly.entity_id   1
_entity_poly.type   'polypeptide(L)'
_entity_poly.pdbx_seq_one_letter_code
;SNA(MSE)TSLEEITKAI(MSE)ADSQNKVFTEKNIEPLFAAPKTARINIVGQAPGIKAQESRLYWNDKSGDRLREW
(MSE)GVDYDTFYHSGYFAVIP(MSE)DFYYPGKGKSGDLPPRKGFAQKWHQPILDLLPDIQLTILIGNYAQKYYLHQKS
SVKLTDTVAHYKKYLPDYFPLVHPSPRNQIW(MSE)SRHPWFEAQVVPDLKKIIQQIIQSS
;
_entity_poly.pdbx_strand_id   A,B
#
# COMPACT_ATOMS: atom_id res chain seq x y z
N ALA A 3 -16.67 3.48 9.07
CA ALA A 3 -15.22 3.49 9.42
C ALA A 3 -14.47 4.53 8.58
N THR A 5 -15.13 5.76 5.54
CA THR A 5 -16.06 5.86 4.41
C THR A 5 -16.51 7.27 3.96
N SER A 6 -15.82 8.30 4.41
CA SER A 6 -15.97 9.64 3.82
C SER A 6 -14.59 10.27 3.75
N LEU A 7 -14.44 11.32 2.94
CA LEU A 7 -13.14 12.01 2.86
C LEU A 7 -12.77 12.61 4.21
N GLU A 8 -13.76 13.17 4.92
CA GLU A 8 -13.49 13.73 6.24
C GLU A 8 -12.99 12.66 7.22
N GLU A 9 -13.59 11.48 7.20
CA GLU A 9 -13.12 10.43 8.09
C GLU A 9 -11.67 10.03 7.75
N ILE A 10 -11.39 9.90 6.47
CA ILE A 10 -10.04 9.56 6.02
C ILE A 10 -9.05 10.65 6.45
N THR A 11 -9.41 11.91 6.25
CA THR A 11 -8.53 13.00 6.64
C THR A 11 -8.21 12.93 8.13
N LYS A 12 -9.22 12.69 8.96
CA LYS A 12 -9.03 12.61 10.41
C LYS A 12 -8.08 11.47 10.75
N ALA A 13 -8.23 10.32 10.08
CA ALA A 13 -7.36 9.19 10.31
C ALA A 13 -5.91 9.49 9.95
N ILE A 14 -5.70 10.12 8.80
CA ILE A 14 -4.36 10.51 8.38
C ILE A 14 -3.72 11.45 9.44
N ALA A 16 -4.35 11.70 12.54
CA ALA A 16 -4.20 11.03 13.83
C ALA A 16 -3.05 10.03 13.85
N ASP A 17 -2.58 9.65 12.66
CA ASP A 17 -1.50 8.65 12.51
C ASP A 17 -0.22 9.24 13.09
N SER A 18 0.45 8.47 13.94
CA SER A 18 1.64 9.01 14.56
C SER A 18 2.71 9.37 13.52
N GLN A 19 2.62 8.78 12.32
CA GLN A 19 3.54 9.08 11.19
C GLN A 19 3.51 10.61 10.88
N ASN A 20 2.40 11.25 11.17
CA ASN A 20 2.16 12.62 10.76
C ASN A 20 2.05 13.61 11.92
N LYS A 21 2.45 13.16 13.10
CA LYS A 21 2.35 13.95 14.30
C LYS A 21 3.05 15.30 14.19
N VAL A 22 4.23 15.34 13.55
CA VAL A 22 4.93 16.64 13.42
C VAL A 22 4.07 17.62 12.64
N PHE A 23 3.46 17.14 11.57
CA PHE A 23 2.61 17.98 10.73
C PHE A 23 1.35 18.40 11.47
N THR A 24 0.70 17.45 12.14
CA THR A 24 -0.56 17.75 12.80
C THR A 24 -0.38 18.82 13.91
N GLU A 25 0.75 18.73 14.62
CA GLU A 25 1.04 19.69 15.70
CA GLU A 25 1.08 19.67 15.71
C GLU A 25 1.44 21.08 15.18
N LYS A 26 1.62 21.20 13.86
CA LYS A 26 1.92 22.50 13.23
C LYS A 26 0.73 22.96 12.40
N ASN A 27 -0.44 22.36 12.61
CA ASN A 27 -1.63 22.72 11.82
C ASN A 27 -1.40 22.53 10.30
N ILE A 28 -0.75 21.44 9.93
CA ILE A 28 -0.56 21.10 8.51
C ILE A 28 -1.40 19.85 8.21
N GLU A 29 -2.42 19.98 7.40
CA GLU A 29 -3.34 18.88 7.08
C GLU A 29 -2.76 18.15 5.86
N PRO A 30 -3.15 16.87 5.65
CA PRO A 30 -2.74 16.18 4.40
C PRO A 30 -3.39 16.90 3.22
N LEU A 31 -2.64 17.05 2.13
CA LEU A 31 -3.17 17.68 0.92
C LEU A 31 -3.45 16.67 -0.20
N PHE A 32 -4.73 16.57 -0.58
CA PHE A 32 -5.12 15.72 -1.73
C PHE A 32 -6.41 16.31 -2.34
N ALA A 33 -6.63 16.15 -3.64
CA ALA A 33 -7.81 16.68 -4.31
C ALA A 33 -8.61 15.48 -4.85
N ALA A 34 -9.78 15.26 -4.24
CA ALA A 34 -10.60 14.08 -4.57
C ALA A 34 -12.07 14.42 -4.78
N PRO A 35 -12.39 15.32 -5.73
CA PRO A 35 -13.81 15.63 -6.00
C PRO A 35 -14.53 14.39 -6.54
N LYS A 36 -15.73 14.09 -6.05
CA LYS A 36 -16.38 12.78 -6.38
C LYS A 36 -16.71 12.63 -7.89
N THR A 37 -16.73 13.78 -8.58
CA THR A 37 -16.89 13.86 -10.01
C THR A 37 -15.61 13.53 -10.83
N ALA A 38 -14.48 13.26 -10.17
CA ALA A 38 -13.19 13.15 -10.89
C ALA A 38 -13.22 11.98 -11.88
N ARG A 39 -12.70 12.24 -13.09
CA ARG A 39 -12.56 11.22 -14.14
C ARG A 39 -11.08 10.90 -14.43
N ILE A 40 -10.17 11.81 -14.08
CA ILE A 40 -8.74 11.61 -14.31
C ILE A 40 -8.03 11.82 -12.96
N ASN A 41 -7.25 10.84 -12.52
CA ASN A 41 -6.45 11.00 -11.30
C ASN A 41 -4.99 11.25 -11.68
N ILE A 42 -4.41 12.35 -11.22
CA ILE A 42 -2.99 12.62 -11.49
C ILE A 42 -2.20 12.26 -10.24
N VAL A 43 -1.30 11.30 -10.41
CA VAL A 43 -0.44 10.84 -9.31
C VAL A 43 1.02 11.30 -9.54
N GLY A 44 1.43 12.30 -8.76
CA GLY A 44 2.83 12.75 -8.75
C GLY A 44 3.55 12.38 -7.46
N GLN A 45 4.53 13.19 -7.09
CA GLN A 45 5.43 12.84 -6.00
C GLN A 45 4.88 13.27 -4.61
N ALA A 46 4.83 14.58 -4.36
CA ALA A 46 4.49 15.14 -3.04
C ALA A 46 4.44 16.67 -3.17
N PRO A 47 3.67 17.35 -2.29
CA PRO A 47 3.71 18.84 -2.38
C PRO A 47 5.07 19.36 -1.90
N GLY A 48 5.49 20.51 -2.41
CA GLY A 48 6.59 21.25 -1.83
C GLY A 48 6.03 22.23 -0.80
N ILE A 49 6.89 23.13 -0.29
CA ILE A 49 6.48 24.04 0.78
C ILE A 49 5.38 25.02 0.26
N LYS A 50 5.46 25.38 -1.00
CA LYS A 50 4.52 26.39 -1.56
C LYS A 50 3.14 25.79 -1.74
N ALA A 51 3.06 24.57 -2.26
CA ALA A 51 1.79 23.84 -2.33
C ALA A 51 1.27 23.48 -0.91
N GLN A 52 2.17 23.11 -0.01
CA GLN A 52 1.80 22.91 1.39
C GLN A 52 1.02 24.12 1.94
N GLU A 53 1.45 25.31 1.56
CA GLU A 53 0.75 26.53 2.00
C GLU A 53 -0.49 26.89 1.19
N SER A 54 -0.43 26.74 -0.12
CA SER A 54 -1.51 27.19 -0.99
C SER A 54 -2.69 26.21 -0.96
N ARG A 55 -2.41 24.96 -0.57
CA ARG A 55 -3.40 23.87 -0.67
C ARG A 55 -3.87 23.57 -2.10
N LEU A 56 -2.98 23.80 -3.07
CA LEU A 56 -3.21 23.55 -4.49
C LEU A 56 -1.97 22.88 -5.05
N TYR A 57 -2.20 21.86 -5.90
CA TYR A 57 -1.13 21.23 -6.69
C TYR A 57 -1.04 21.87 -8.06
N TRP A 58 0.17 21.82 -8.64
CA TRP A 58 0.44 22.22 -10.02
C TRP A 58 0.17 23.70 -10.32
N ASN A 59 0.15 24.54 -9.29
CA ASN A 59 -0.19 25.96 -9.52
C ASN A 59 1.11 26.73 -9.71
N ASP A 60 1.83 26.34 -10.77
CA ASP A 60 3.19 26.78 -11.03
C ASP A 60 3.55 26.49 -12.49
N LYS A 61 4.78 26.82 -12.89
CA LYS A 61 5.18 26.64 -14.27
C LYS A 61 5.15 25.18 -14.73
N SER A 62 5.54 24.27 -13.84
CA SER A 62 5.49 22.83 -14.09
C SER A 62 4.07 22.44 -14.44
N GLY A 63 3.12 22.92 -13.62
CA GLY A 63 1.70 22.67 -13.86
C GLY A 63 1.20 23.32 -15.14
N ASP A 64 1.70 24.51 -15.47
CA ASP A 64 1.34 25.14 -16.73
C ASP A 64 1.72 24.25 -17.94
N ARG A 65 2.93 23.68 -17.88
CA ARG A 65 3.40 22.75 -18.90
CA ARG A 65 3.44 22.71 -18.86
C ARG A 65 2.58 21.45 -18.92
N LEU A 66 2.22 20.94 -17.75
CA LEU A 66 1.43 19.71 -17.71
C LEU A 66 0.05 19.96 -18.33
N ARG A 67 -0.57 21.10 -18.04
CA ARG A 67 -1.88 21.41 -18.62
C ARG A 67 -1.79 21.54 -20.15
N GLU A 68 -0.72 22.18 -20.64
CA GLU A 68 -0.44 22.22 -22.07
C GLU A 68 -0.30 20.79 -22.65
N TRP A 69 0.45 19.92 -21.97
CA TRP A 69 0.52 18.53 -22.44
C TRP A 69 -0.87 17.88 -22.52
N GLY A 71 -3.77 19.23 -22.74
CA GLY A 71 -4.69 19.94 -23.60
C GLY A 71 -5.88 20.51 -22.86
N VAL A 72 -5.69 20.88 -21.59
CA VAL A 72 -6.74 21.57 -20.84
C VAL A 72 -6.24 22.93 -20.35
N ASP A 73 -7.15 23.90 -20.30
CA ASP A 73 -6.78 25.17 -19.74
C ASP A 73 -6.85 25.21 -18.19
N TYR A 74 -6.36 26.31 -17.63
CA TYR A 74 -6.28 26.51 -16.19
C TYR A 74 -7.65 26.35 -15.51
N ASP A 75 -8.65 27.07 -16.03
CA ASP A 75 -10.00 26.96 -15.51
C ASP A 75 -10.53 25.53 -15.48
N THR A 76 -10.37 24.79 -16.58
CA THR A 76 -10.88 23.41 -16.67
C THR A 76 -10.16 22.54 -15.67
N PHE A 77 -8.84 22.75 -15.53
CA PHE A 77 -8.07 21.92 -14.61
C PHE A 77 -8.54 22.07 -13.15
N TYR A 78 -8.72 23.32 -12.71
CA TYR A 78 -9.04 23.57 -11.31
C TYR A 78 -10.55 23.54 -10.99
N HIS A 79 -11.38 23.81 -11.99
CA HIS A 79 -12.80 24.07 -11.75
C HIS A 79 -13.79 23.14 -12.48
N SER A 80 -13.29 22.31 -13.40
CA SER A 80 -14.25 21.44 -14.12
C SER A 80 -14.86 20.45 -13.15
N GLY A 81 -14.06 20.01 -12.16
CA GLY A 81 -14.39 18.92 -11.24
C GLY A 81 -14.00 17.54 -11.78
N TYR A 82 -13.33 17.53 -12.94
CA TYR A 82 -12.90 16.22 -13.55
C TYR A 82 -11.54 15.71 -13.17
N PHE A 83 -10.74 16.53 -12.47
CA PHE A 83 -9.39 16.11 -12.09
C PHE A 83 -9.24 15.86 -10.60
N ALA A 84 -8.73 14.68 -10.27
CA ALA A 84 -8.20 14.39 -8.93
C ALA A 84 -6.68 14.48 -8.90
N VAL A 85 -6.13 14.82 -7.74
CA VAL A 85 -4.67 14.87 -7.58
C VAL A 85 -4.38 14.20 -6.25
N ILE A 86 -3.81 13.00 -6.37
CA ILE A 86 -3.55 12.09 -5.22
C ILE A 86 -2.11 11.58 -5.28
N PRO A 87 -1.14 12.37 -4.77
CA PRO A 87 0.28 12.08 -4.95
C PRO A 87 0.77 11.03 -3.96
N ASP A 89 2.87 11.19 -1.58
CA ASP A 89 2.81 11.66 -0.18
C ASP A 89 1.94 12.89 -0.18
N PHE A 90 1.08 13.02 0.82
CA PHE A 90 0.18 14.19 0.91
C PHE A 90 0.81 15.35 1.72
N TYR A 91 2.05 15.13 2.16
CA TYR A 91 2.78 16.13 2.93
C TYR A 91 4.17 16.43 2.32
N TYR A 92 4.65 17.65 2.54
CA TYR A 92 5.97 18.07 2.10
C TYR A 92 7.06 17.32 2.87
N PRO A 93 7.88 16.53 2.15
CA PRO A 93 8.77 15.68 2.98
C PRO A 93 10.01 16.37 3.56
N GLY A 94 10.23 17.61 3.19
CA GLY A 94 11.39 18.34 3.70
C GLY A 94 12.42 18.60 2.61
N LYS A 95 13.36 19.51 2.92
CA LYS A 95 14.35 20.03 1.99
C LYS A 95 15.56 19.11 1.93
N GLY A 96 15.82 18.57 0.75
CA GLY A 96 17.03 17.80 0.49
C GLY A 96 18.04 18.65 -0.26
N LYS A 97 19.17 18.02 -0.58
CA LYS A 97 20.32 18.68 -1.22
C LYS A 97 20.03 19.36 -2.55
N SER A 98 19.14 18.77 -3.35
CA SER A 98 18.82 19.29 -4.69
C SER A 98 17.43 19.90 -4.77
N GLY A 99 16.48 19.28 -4.09
CA GLY A 99 15.10 19.79 -4.00
C GLY A 99 14.46 19.23 -2.75
N ASP A 100 13.24 18.71 -2.90
CA ASP A 100 12.55 18.05 -1.79
C ASP A 100 13.06 16.62 -1.57
N LEU A 101 13.07 16.16 -0.31
CA LEU A 101 13.27 14.74 0.04
C LEU A 101 12.17 13.85 -0.59
N PRO A 102 12.36 12.51 -0.64
CA PRO A 102 11.33 11.70 -1.35
C PRO A 102 10.02 11.50 -0.57
N PRO A 103 8.92 11.12 -1.27
CA PRO A 103 7.68 10.73 -0.56
C PRO A 103 8.00 9.60 0.39
N ARG A 104 7.39 9.64 1.58
CA ARG A 104 7.68 8.64 2.62
C ARG A 104 7.24 7.25 2.23
N LYS A 105 8.13 6.29 2.46
CA LYS A 105 7.78 4.90 2.17
C LYS A 105 6.59 4.47 3.03
N GLY A 106 5.68 3.74 2.40
CA GLY A 106 4.53 3.21 3.11
C GLY A 106 3.31 4.12 3.17
N PHE A 107 3.41 5.39 2.72
CA PHE A 107 2.31 6.31 2.92
C PHE A 107 1.11 5.99 2.00
N ALA A 108 1.40 5.82 0.70
CA ALA A 108 0.34 5.45 -0.26
C ALA A 108 -0.37 4.15 0.11
N GLN A 109 0.42 3.18 0.59
CA GLN A 109 -0.15 1.91 1.00
CA GLN A 109 -0.07 1.89 1.07
C GLN A 109 -1.22 2.09 2.04
N LYS A 110 -1.09 3.12 2.89
CA LYS A 110 -2.08 3.37 3.92
C LYS A 110 -3.37 3.98 3.40
N TRP A 111 -3.26 5.02 2.55
CA TRP A 111 -4.39 5.94 2.36
C TRP A 111 -4.97 6.03 0.95
N HIS A 112 -4.20 5.64 -0.07
CA HIS A 112 -4.72 5.85 -1.44
C HIS A 112 -6.02 5.05 -1.73
N GLN A 113 -6.01 3.76 -1.43
CA GLN A 113 -7.16 2.94 -1.82
C GLN A 113 -8.52 3.40 -1.22
N PRO A 114 -8.54 3.73 0.09
CA PRO A 114 -9.79 4.20 0.68
C PRO A 114 -10.29 5.48 0.00
N ILE A 115 -9.36 6.33 -0.43
CA ILE A 115 -9.75 7.57 -1.16
C ILE A 115 -10.26 7.19 -2.55
N LEU A 116 -9.51 6.35 -3.26
CA LEU A 116 -9.95 5.92 -4.62
C LEU A 116 -11.32 5.22 -4.60
N ASP A 117 -11.62 4.52 -3.50
CA ASP A 117 -12.93 3.87 -3.36
C ASP A 117 -14.09 4.85 -3.33
N LEU A 118 -13.80 6.15 -3.18
CA LEU A 118 -14.84 7.18 -3.17
C LEU A 118 -14.79 7.98 -4.46
N LEU A 119 -14.09 7.45 -5.45
CA LEU A 119 -14.00 8.13 -6.75
C LEU A 119 -14.45 7.17 -7.86
N PRO A 120 -15.77 6.98 -7.99
CA PRO A 120 -16.24 5.93 -8.89
C PRO A 120 -16.13 6.24 -10.38
N ASP A 121 -15.88 7.49 -10.76
CA ASP A 121 -15.87 7.84 -12.18
C ASP A 121 -14.46 7.92 -12.80
N ILE A 122 -13.41 7.50 -12.07
CA ILE A 122 -12.06 7.54 -12.64
C ILE A 122 -11.92 6.61 -13.87
N GLN A 123 -11.51 7.19 -15.00
CA GLN A 123 -11.27 6.45 -16.24
C GLN A 123 -9.77 6.34 -16.59
N LEU A 124 -8.95 7.23 -16.04
CA LEU A 124 -7.51 7.27 -16.39
C LEU A 124 -6.74 7.77 -15.20
N THR A 125 -5.64 7.09 -14.89
CA THR A 125 -4.73 7.54 -13.86
C THR A 125 -3.38 7.84 -14.50
N ILE A 126 -2.97 9.09 -14.36
CA ILE A 126 -1.71 9.56 -14.97
C ILE A 126 -0.61 9.44 -13.93
N LEU A 127 0.45 8.69 -14.27
CA LEU A 127 1.51 8.36 -13.34
C LEU A 127 2.77 9.14 -13.65
N ILE A 128 3.01 10.21 -12.87
CA ILE A 128 4.12 11.13 -13.16
C ILE A 128 5.34 10.85 -12.30
N GLY A 129 6.38 10.32 -12.94
CA GLY A 129 7.64 10.09 -12.27
C GLY A 129 7.82 8.71 -11.69
N ASN A 130 9.03 8.43 -11.19
CA ASN A 130 9.35 7.09 -10.72
C ASN A 130 8.52 6.55 -9.57
N TYR A 131 8.32 7.35 -8.52
CA TYR A 131 7.62 6.82 -7.31
C TYR A 131 6.21 6.38 -7.68
N ALA A 132 5.52 7.20 -8.47
CA ALA A 132 4.14 6.91 -8.88
C ALA A 132 4.05 5.64 -9.76
N GLN A 133 4.94 5.55 -10.75
CA GLN A 133 5.02 4.37 -11.65
C GLN A 133 5.41 3.07 -10.94
N LYS A 134 6.48 3.08 -10.17
CA LYS A 134 6.90 1.85 -9.50
C LYS A 134 5.79 1.30 -8.60
N TYR A 135 5.04 2.21 -7.98
CA TYR A 135 3.96 1.79 -7.09
C TYR A 135 2.76 1.25 -7.88
N TYR A 136 2.16 2.08 -8.73
CA TYR A 136 0.96 1.64 -9.43
C TYR A 136 1.15 0.60 -10.52
N LEU A 137 2.34 0.58 -11.14
CA LEU A 137 2.67 -0.46 -12.12
C LEU A 137 3.37 -1.66 -11.52
N HIS A 138 3.50 -1.67 -10.19
CA HIS A 138 4.13 -2.80 -9.48
C HIS A 138 5.49 -3.18 -10.11
N GLN A 139 6.39 -2.20 -10.22
CA GLN A 139 7.73 -2.39 -10.83
C GLN A 139 8.84 -2.34 -9.80
N LYS A 140 9.84 -3.20 -9.99
CA LYS A 140 11.06 -3.09 -9.19
C LYS A 140 11.70 -1.75 -9.51
N SER A 141 12.53 -1.27 -8.59
CA SER A 141 13.09 0.08 -8.71
C SER A 141 14.07 0.17 -9.87
N SER A 142 14.57 -0.98 -10.33
CA SER A 142 15.51 -1.06 -11.46
C SER A 142 14.86 -0.93 -12.85
N VAL A 143 13.52 -0.97 -12.92
CA VAL A 143 12.83 -0.74 -14.19
C VAL A 143 13.08 0.71 -14.55
N LYS A 144 13.35 0.99 -15.83
CA LYS A 144 13.69 2.33 -16.29
C LYS A 144 12.46 3.16 -16.65
N LEU A 145 12.40 4.37 -16.10
CA LEU A 145 11.36 5.36 -16.41
C LEU A 145 11.21 5.57 -17.91
N THR A 146 12.33 5.75 -18.62
CA THR A 146 12.26 6.08 -20.06
C THR A 146 11.64 4.90 -20.81
N ASP A 147 12.00 3.68 -20.41
CA ASP A 147 11.42 2.46 -21.01
C ASP A 147 9.88 2.38 -20.82
N THR A 148 9.43 2.72 -19.62
CA THR A 148 8.02 2.65 -19.24
C THR A 148 7.20 3.62 -20.08
N VAL A 149 7.72 4.84 -20.21
CA VAL A 149 7.02 5.88 -20.95
C VAL A 149 7.03 5.53 -22.46
N ALA A 150 8.15 5.00 -22.95
CA ALA A 150 8.24 4.65 -24.38
C ALA A 150 7.22 3.58 -24.79
N HIS A 151 6.87 2.67 -23.88
CA HIS A 151 5.78 1.72 -24.19
C HIS A 151 4.52 1.98 -23.34
N TYR A 152 4.12 3.24 -23.26
CA TYR A 152 2.95 3.66 -22.45
C TYR A 152 1.67 2.88 -22.79
N LYS A 153 1.52 2.42 -24.05
CA LYS A 153 0.29 1.72 -24.44
C LYS A 153 0.09 0.42 -23.66
N LYS A 154 1.18 -0.16 -23.15
CA LYS A 154 1.12 -1.36 -22.32
C LYS A 154 0.21 -1.20 -21.08
N TYR A 155 0.10 0.02 -20.59
CA TYR A 155 -0.53 0.25 -19.30
C TYR A 155 -1.91 0.84 -19.47
N LEU A 156 -2.27 1.20 -20.70
CA LEU A 156 -3.60 1.73 -21.03
C LEU A 156 -4.61 0.57 -21.04
N PRO A 157 -5.91 0.86 -20.80
CA PRO A 157 -6.51 2.13 -20.53
C PRO A 157 -6.36 2.69 -19.11
N ASP A 158 -5.97 1.88 -18.13
CA ASP A 158 -6.02 2.41 -16.75
C ASP A 158 -4.96 3.46 -16.40
N TYR A 159 -3.76 3.30 -16.96
CA TYR A 159 -2.61 4.14 -16.52
C TYR A 159 -1.89 4.75 -17.69
N PHE A 160 -1.41 5.97 -17.52
CA PHE A 160 -0.59 6.63 -18.50
C PHE A 160 0.65 7.20 -17.84
N PRO A 161 1.81 6.55 -18.05
CA PRO A 161 3.06 7.05 -17.43
C PRO A 161 3.66 8.24 -18.18
N LEU A 162 4.10 9.25 -17.42
CA LEU A 162 4.79 10.41 -17.94
C LEU A 162 6.04 10.76 -17.16
N VAL A 163 6.91 11.56 -17.76
CA VAL A 163 8.04 12.14 -17.03
C VAL A 163 7.51 13.44 -16.42
N HIS A 164 8.23 13.99 -15.44
CA HIS A 164 7.81 15.29 -14.88
C HIS A 164 7.96 16.43 -15.86
N PRO A 165 6.99 17.37 -15.86
CA PRO A 165 7.09 18.55 -16.70
C PRO A 165 8.03 19.62 -16.15
N SER A 166 9.16 19.18 -15.58
CA SER A 166 10.18 20.04 -14.96
C SER A 166 11.16 20.68 -15.97
N PRO A 167 11.75 21.86 -15.62
CA PRO A 167 12.73 22.50 -16.49
C PRO A 167 13.97 21.66 -16.70
N ARG A 168 14.39 20.93 -15.67
CA ARG A 168 15.52 20.03 -15.80
C ARG A 168 15.26 18.92 -16.81
N ASN A 169 13.99 18.59 -17.07
CA ASN A 169 13.69 17.58 -18.08
C ASN A 169 13.68 18.11 -19.50
N GLN A 170 13.94 19.40 -19.69
CA GLN A 170 13.94 19.98 -21.04
CA GLN A 170 13.96 19.99 -21.04
C GLN A 170 15.00 19.31 -21.92
N ILE A 171 16.16 19.04 -21.33
CA ILE A 171 17.20 18.37 -22.11
C ILE A 171 16.77 16.93 -22.43
N TRP A 172 16.13 16.24 -21.48
CA TRP A 172 15.60 14.88 -21.74
C TRP A 172 14.61 14.88 -22.92
N SER A 174 14.56 16.97 -25.41
CA SER A 174 15.32 17.20 -26.66
CA SER A 174 15.36 17.21 -26.64
C SER A 174 15.96 15.90 -27.13
N ARG A 175 16.35 15.05 -26.18
CA ARG A 175 16.97 13.78 -26.55
CA ARG A 175 16.97 13.75 -26.50
C ARG A 175 15.94 12.70 -26.88
N HIS A 176 14.66 12.97 -26.60
CA HIS A 176 13.58 11.99 -26.82
C HIS A 176 12.36 12.65 -27.49
N PRO A 177 12.54 13.14 -28.74
CA PRO A 177 11.46 13.94 -29.36
C PRO A 177 10.14 13.18 -29.57
N TRP A 178 10.19 11.84 -29.54
CA TRP A 178 9.01 11.00 -29.65
C TRP A 178 8.02 11.25 -28.51
N PHE A 179 8.51 11.78 -27.39
CA PHE A 179 7.61 12.09 -26.29
C PHE A 179 6.64 13.20 -26.70
N GLU A 180 7.18 14.33 -27.11
CA GLU A 180 6.32 15.41 -27.54
C GLU A 180 5.62 15.10 -28.86
N ALA A 181 6.25 14.26 -29.69
CA ALA A 181 5.71 14.06 -31.05
C ALA A 181 4.58 13.04 -31.11
N GLN A 182 4.62 12.04 -30.24
CA GLN A 182 3.71 10.88 -30.29
CA GLN A 182 3.65 10.95 -30.30
C GLN A 182 2.97 10.65 -28.97
N VAL A 183 3.70 10.73 -27.86
CA VAL A 183 3.11 10.36 -26.59
C VAL A 183 2.13 11.40 -26.11
N VAL A 184 2.59 12.64 -26.05
CA VAL A 184 1.77 13.77 -25.63
C VAL A 184 0.48 13.97 -26.50
N PRO A 185 0.60 13.86 -27.84
CA PRO A 185 -0.64 13.93 -28.61
C PRO A 185 -1.67 12.86 -28.26
N ASP A 186 -1.21 11.64 -27.94
CA ASP A 186 -2.16 10.59 -27.57
CA ASP A 186 -2.13 10.56 -27.55
C ASP A 186 -2.76 10.88 -26.20
N LEU A 187 -1.96 11.40 -25.27
CA LEU A 187 -2.48 11.85 -23.97
C LEU A 187 -3.64 12.83 -24.18
N LYS A 188 -3.45 13.81 -25.04
CA LYS A 188 -4.50 14.80 -25.32
C LYS A 188 -5.78 14.15 -25.84
N LYS A 189 -5.64 13.21 -26.77
CA LYS A 189 -6.76 12.50 -27.41
CA LYS A 189 -6.82 12.63 -27.39
C LYS A 189 -7.59 11.76 -26.38
N ILE A 190 -6.86 11.04 -25.51
CA ILE A 190 -7.50 10.21 -24.49
C ILE A 190 -8.23 11.10 -23.48
N ILE A 191 -7.58 12.18 -23.04
CA ILE A 191 -8.22 13.09 -22.09
C ILE A 191 -9.48 13.74 -22.68
N GLN A 192 -9.44 14.15 -23.95
CA GLN A 192 -10.63 14.75 -24.58
C GLN A 192 -11.82 13.78 -24.63
N GLN A 193 -11.56 12.50 -24.92
CA GLN A 193 -12.62 11.50 -24.96
CA GLN A 193 -12.59 11.43 -24.94
C GLN A 193 -13.24 11.36 -23.55
N ILE A 194 -12.39 11.32 -22.53
CA ILE A 194 -12.86 11.21 -21.15
C ILE A 194 -13.67 12.43 -20.67
N ILE A 195 -13.16 13.64 -20.92
CA ILE A 195 -13.86 14.87 -20.56
CA ILE A 195 -13.88 14.85 -20.52
C ILE A 195 -15.20 15.03 -21.30
N GLN A 196 -15.28 14.54 -22.53
CA GLN A 196 -16.53 14.58 -23.32
CA GLN A 196 -16.57 14.62 -23.25
C GLN A 196 -17.46 13.39 -23.05
N SER A 197 -16.96 12.39 -22.32
CA SER A 197 -17.70 11.13 -22.07
C SER A 197 -18.95 11.26 -21.16
N SER A 198 -19.82 10.25 -21.27
CA SER A 198 -21.03 10.03 -20.44
C SER A 198 -22.30 10.40 -21.19
N ALA B 3 5.56 10.03 21.44
CA ALA B 3 6.46 8.95 21.94
C ALA B 3 5.80 7.59 21.78
N THR B 5 8.05 4.97 21.51
CA THR B 5 9.40 4.44 21.55
C THR B 5 9.52 3.10 22.28
N SER B 6 8.40 2.59 22.78
CA SER B 6 8.36 1.28 23.41
C SER B 6 7.06 0.55 23.09
N LEU B 7 7.10 -0.78 23.20
CA LEU B 7 5.91 -1.60 22.97
C LEU B 7 4.82 -1.26 23.99
N GLU B 8 5.25 -1.00 25.23
CA GLU B 8 4.32 -0.58 26.26
C GLU B 8 3.58 0.71 25.89
N GLU B 9 4.31 1.72 25.42
CA GLU B 9 3.68 2.98 25.06
C GLU B 9 2.72 2.76 23.89
N ILE B 10 3.10 1.90 22.96
CA ILE B 10 2.24 1.66 21.79
C ILE B 10 0.96 0.96 22.27
N THR B 11 1.12 -0.01 23.19
CA THR B 11 -0.03 -0.73 23.76
C THR B 11 -1.03 0.26 24.41
N LYS B 12 -0.53 1.19 25.22
CA LYS B 12 -1.36 2.21 25.83
C LYS B 12 -2.09 3.10 24.80
N ALA B 13 -1.39 3.46 23.73
CA ALA B 13 -1.99 4.32 22.70
C ALA B 13 -3.12 3.56 21.98
N ILE B 14 -2.90 2.26 21.71
CA ILE B 14 -3.95 1.46 21.07
C ILE B 14 -5.20 1.39 21.96
N ALA B 16 -6.16 3.38 24.19
CA ALA B 16 -6.71 4.71 24.45
C ALA B 16 -7.49 5.21 23.24
N ASP B 17 -7.24 4.60 22.09
CA ASP B 17 -7.91 5.00 20.84
CA ASP B 17 -7.89 4.98 20.85
C ASP B 17 -9.42 4.77 20.87
N SER B 18 -10.19 5.78 20.47
CA SER B 18 -11.66 5.60 20.46
C SER B 18 -12.14 4.38 19.65
N GLN B 19 -11.37 3.98 18.62
CA GLN B 19 -11.69 2.77 17.82
C GLN B 19 -11.82 1.52 18.69
N ASN B 20 -11.04 1.49 19.76
CA ASN B 20 -11.00 0.28 20.55
C ASN B 20 -11.64 0.42 21.91
N LYS B 21 -12.41 1.49 22.10
CA LYS B 21 -12.96 1.80 23.40
C LYS B 21 -13.84 0.69 23.91
N VAL B 22 -14.61 0.03 23.04
CA VAL B 22 -15.49 -1.05 23.49
C VAL B 22 -14.68 -2.20 24.08
N PHE B 23 -13.53 -2.48 23.47
CA PHE B 23 -12.64 -3.50 24.01
C PHE B 23 -12.02 -3.06 25.34
N THR B 24 -11.50 -1.84 25.35
CA THR B 24 -10.86 -1.30 26.55
C THR B 24 -11.78 -1.30 27.78
N GLU B 25 -13.02 -0.87 27.57
CA GLU B 25 -14.03 -0.78 28.62
C GLU B 25 -14.45 -2.17 29.13
N LYS B 26 -14.18 -3.20 28.31
CA LYS B 26 -14.45 -4.59 28.63
C LYS B 26 -13.18 -5.30 29.13
N ASN B 27 -12.12 -4.55 29.41
CA ASN B 27 -10.89 -5.14 30.00
C ASN B 27 -10.08 -6.04 29.06
N ILE B 28 -10.29 -5.86 27.75
CA ILE B 28 -9.58 -6.64 26.73
C ILE B 28 -8.46 -5.79 26.12
N GLU B 29 -7.28 -6.38 25.99
CA GLU B 29 -6.07 -5.73 25.46
C GLU B 29 -5.83 -6.15 23.99
N PRO B 30 -5.10 -5.32 23.20
CA PRO B 30 -4.71 -5.76 21.85
C PRO B 30 -3.78 -6.95 21.96
N LEU B 31 -3.89 -7.89 21.02
CA LEU B 31 -3.00 -9.03 20.95
C LEU B 31 -2.03 -8.91 19.76
N PHE B 32 -0.73 -8.89 20.06
CA PHE B 32 0.31 -8.95 19.02
C PHE B 32 1.57 -9.52 19.64
N ALA B 33 2.41 -10.15 18.81
CA ALA B 33 3.65 -10.74 19.32
C ALA B 33 4.82 -10.07 18.62
N ALA B 34 5.62 -9.33 19.38
CA ALA B 34 6.71 -8.54 18.80
C ALA B 34 8.05 -8.60 19.53
N PRO B 35 8.61 -9.82 19.67
CA PRO B 35 9.89 -9.98 20.33
C PRO B 35 10.95 -9.16 19.57
N LYS B 36 11.77 -8.42 20.30
CA LYS B 36 12.72 -7.47 19.67
C LYS B 36 13.73 -8.18 18.77
N THR B 37 13.92 -9.48 18.99
CA THR B 37 14.82 -10.33 18.21
C THR B 37 14.18 -10.90 16.92
N ALA B 38 12.93 -10.52 16.63
CA ALA B 38 12.19 -11.12 15.50
C ALA B 38 12.91 -10.89 14.15
N ARG B 39 13.00 -11.97 13.37
CA ARG B 39 13.57 -11.95 12.01
C ARG B 39 12.52 -12.27 10.96
N ILE B 40 11.40 -12.87 11.38
CA ILE B 40 10.31 -13.15 10.43
C ILE B 40 9.01 -12.60 11.02
N ASN B 41 8.26 -11.81 10.25
CA ASN B 41 6.98 -11.29 10.72
C ASN B 41 5.89 -12.04 9.96
N ILE B 42 4.95 -12.64 10.70
CA ILE B 42 3.82 -13.33 10.07
C ILE B 42 2.58 -12.44 10.18
N VAL B 43 2.03 -11.99 9.04
CA VAL B 43 0.84 -11.15 9.03
C VAL B 43 -0.36 -11.96 8.51
N GLY B 44 -1.26 -12.27 9.44
CA GLY B 44 -2.55 -12.91 9.11
C GLY B 44 -3.71 -11.95 9.32
N GLN B 45 -4.89 -12.52 9.55
CA GLN B 45 -6.10 -11.74 9.58
C GLN B 45 -6.39 -11.05 10.94
N ALA B 46 -6.76 -11.82 11.95
CA ALA B 46 -7.19 -11.27 13.26
C ALA B 46 -7.41 -12.43 14.21
N PRO B 47 -7.31 -12.17 15.53
CA PRO B 47 -7.66 -13.30 16.40
C PRO B 47 -9.17 -13.60 16.38
N GLY B 48 -9.48 -14.88 16.62
CA GLY B 48 -10.87 -15.28 16.91
C GLY B 48 -11.09 -15.27 18.41
N ILE B 49 -12.24 -15.78 18.85
CA ILE B 49 -12.59 -15.81 20.26
C ILE B 49 -11.57 -16.58 21.09
N LYS B 50 -11.16 -17.74 20.61
CA LYS B 50 -10.27 -18.56 21.41
C LYS B 50 -8.86 -17.97 21.55
N ALA B 51 -8.38 -17.29 20.51
CA ALA B 51 -7.11 -16.62 20.55
C ALA B 51 -7.20 -15.38 21.43
N GLN B 52 -8.35 -14.68 21.37
CA GLN B 52 -8.59 -13.54 22.27
C GLN B 52 -8.41 -13.98 23.71
N GLU B 53 -8.82 -15.21 24.02
CA GLU B 53 -8.72 -15.70 25.39
C GLU B 53 -7.32 -16.22 25.73
N SER B 54 -6.72 -16.98 24.81
CA SER B 54 -5.45 -17.64 25.10
C SER B 54 -4.26 -16.70 25.03
N ARG B 55 -4.45 -15.56 24.34
CA ARG B 55 -3.36 -14.60 24.10
C ARG B 55 -2.22 -15.21 23.28
N LEU B 56 -2.60 -16.11 22.37
CA LEU B 56 -1.67 -16.77 21.46
C LEU B 56 -2.26 -16.89 20.05
N TYR B 57 -1.41 -16.69 19.05
CA TYR B 57 -1.79 -16.93 17.66
C TYR B 57 -1.29 -18.29 17.20
N TRP B 58 -2.01 -18.86 16.22
CA TRP B 58 -1.61 -20.15 15.57
C TRP B 58 -1.51 -21.36 16.50
N ASN B 59 -2.11 -21.28 17.70
CA ASN B 59 -2.06 -22.40 18.65
C ASN B 59 -3.24 -23.34 18.40
N ASP B 60 -3.22 -23.94 17.20
CA ASP B 60 -4.35 -24.70 16.67
C ASP B 60 -3.89 -25.54 15.49
N LYS B 61 -4.80 -26.31 14.89
CA LYS B 61 -4.36 -27.21 13.82
CA LYS B 61 -4.46 -27.21 13.78
C LYS B 61 -3.93 -26.43 12.58
N SER B 62 -4.53 -25.27 12.33
CA SER B 62 -4.09 -24.40 11.25
CA SER B 62 -4.08 -24.47 11.21
C SER B 62 -2.63 -24.03 11.45
N GLY B 63 -2.31 -23.61 12.67
CA GLY B 63 -0.93 -23.24 12.99
C GLY B 63 0.03 -24.44 12.94
N ASP B 64 -0.45 -25.65 13.26
CA ASP B 64 0.39 -26.82 13.10
C ASP B 64 0.80 -27.02 11.63
N ARG B 65 -0.15 -26.83 10.73
CA ARG B 65 0.12 -26.94 9.30
CA ARG B 65 0.11 -26.94 9.29
C ARG B 65 1.07 -25.83 8.82
N LEU B 66 0.84 -24.61 9.29
CA LEU B 66 1.71 -23.50 8.95
CA LEU B 66 1.70 -23.48 8.99
C LEU B 66 3.14 -23.82 9.40
N ARG B 67 3.32 -24.31 10.63
CA ARG B 67 4.64 -24.69 11.10
C ARG B 67 5.28 -25.83 10.25
N GLU B 68 4.47 -26.81 9.86
CA GLU B 68 4.88 -27.82 8.86
C GLU B 68 5.42 -27.15 7.57
N TRP B 69 4.64 -26.26 6.97
CA TRP B 69 5.06 -25.53 5.76
C TRP B 69 6.39 -24.82 5.95
N GLY B 71 8.73 -25.42 8.14
CA GLY B 71 9.83 -26.28 8.59
C GLY B 71 10.35 -25.88 9.97
N VAL B 72 9.47 -25.39 10.84
CA VAL B 72 9.87 -25.10 12.23
C VAL B 72 8.98 -25.82 13.24
N ASP B 73 9.57 -26.33 14.30
CA ASP B 73 8.77 -26.97 15.33
C ASP B 73 8.08 -25.97 16.26
N TYR B 74 7.23 -26.52 17.13
CA TYR B 74 6.41 -25.71 18.03
C TYR B 74 7.30 -24.84 18.98
N ASP B 75 8.33 -25.47 19.56
CA ASP B 75 9.20 -24.78 20.52
C ASP B 75 9.88 -23.61 19.80
N THR B 76 10.39 -23.87 18.60
CA THR B 76 11.04 -22.80 17.80
C THR B 76 10.10 -21.66 17.49
N PHE B 77 8.92 -22.02 17.03
CA PHE B 77 7.94 -21.03 16.70
C PHE B 77 7.61 -20.08 17.88
N TYR B 78 7.37 -20.64 19.06
CA TYR B 78 6.87 -19.80 20.17
C TYR B 78 7.99 -19.21 21.01
N HIS B 79 9.14 -19.86 21.00
CA HIS B 79 10.17 -19.58 22.00
C HIS B 79 11.55 -19.15 21.49
N SER B 80 11.81 -19.26 20.19
CA SER B 80 13.14 -18.96 19.63
C SER B 80 13.39 -17.46 19.66
N GLY B 81 12.30 -16.71 19.75
CA GLY B 81 12.34 -15.24 19.65
C GLY B 81 12.51 -14.72 18.25
N TYR B 82 12.43 -15.61 17.27
CA TYR B 82 12.59 -15.18 15.86
C TYR B 82 11.31 -14.83 15.09
N PHE B 83 10.13 -15.14 15.65
CA PHE B 83 8.88 -14.89 14.91
C PHE B 83 8.03 -13.86 15.59
N ALA B 84 7.68 -12.81 14.84
CA ALA B 84 6.69 -11.88 15.25
C ALA B 84 5.36 -12.24 14.56
N VAL B 85 4.25 -11.87 15.21
CA VAL B 85 2.92 -12.15 14.67
C VAL B 85 2.15 -10.86 14.83
N ILE B 86 1.95 -10.18 13.71
CA ILE B 86 1.37 -8.85 13.74
C ILE B 86 0.23 -8.79 12.70
N PRO B 87 -0.97 -9.29 13.06
CA PRO B 87 -2.07 -9.43 12.09
C PRO B 87 -2.73 -8.12 11.72
N ASP B 89 -5.66 -7.04 12.34
CA ASP B 89 -6.38 -6.45 13.51
C ASP B 89 -5.89 -7.20 14.74
N PHE B 90 -5.70 -6.48 15.86
CA PHE B 90 -5.15 -7.12 17.07
C PHE B 90 -6.29 -7.55 17.98
N TYR B 91 -7.52 -7.31 17.54
CA TYR B 91 -8.71 -7.68 18.30
C TYR B 91 -9.62 -8.58 17.45
N TYR B 92 -10.49 -9.30 18.14
CA TYR B 92 -11.50 -10.13 17.52
C TYR B 92 -12.62 -9.22 17.02
N PRO B 93 -12.83 -9.13 15.69
CA PRO B 93 -13.76 -8.13 15.18
C PRO B 93 -15.24 -8.48 15.43
N GLY B 94 -15.52 -9.70 15.86
CA GLY B 94 -16.89 -10.13 16.10
C GLY B 94 -17.37 -11.11 15.06
N LYS B 95 -18.62 -11.55 15.17
CA LYS B 95 -19.12 -12.63 14.32
CA LYS B 95 -19.13 -12.63 14.33
C LYS B 95 -20.07 -12.10 13.26
N GLY B 96 -19.78 -12.46 12.01
CA GLY B 96 -20.64 -12.15 10.87
C GLY B 96 -21.53 -13.35 10.59
N LYS B 97 -21.90 -13.54 9.33
CA LYS B 97 -22.78 -14.66 8.97
C LYS B 97 -22.03 -15.89 8.47
N SER B 98 -20.93 -15.66 7.74
CA SER B 98 -20.16 -16.70 7.05
C SER B 98 -18.93 -17.13 7.87
N GLY B 99 -18.29 -16.15 8.50
CA GLY B 99 -17.19 -16.37 9.45
C GLY B 99 -17.10 -15.16 10.37
N ASP B 100 -15.89 -14.88 10.85
CA ASP B 100 -15.65 -13.69 11.65
C ASP B 100 -15.78 -12.46 10.76
N LEU B 101 -16.22 -11.37 11.36
CA LEU B 101 -16.16 -10.08 10.69
C LEU B 101 -14.70 -9.76 10.31
N PRO B 102 -14.48 -9.02 9.19
CA PRO B 102 -13.10 -8.80 8.74
C PRO B 102 -12.30 -7.85 9.64
N PRO B 103 -10.94 -7.84 9.49
CA PRO B 103 -10.14 -6.83 10.22
C PRO B 103 -10.68 -5.43 9.98
N ARG B 104 -10.66 -4.58 11.01
CA ARG B 104 -11.34 -3.28 10.90
C ARG B 104 -10.52 -2.27 10.10
N LYS B 105 -11.21 -1.45 9.30
CA LYS B 105 -10.51 -0.52 8.44
C LYS B 105 -9.75 0.52 9.29
N GLY B 106 -8.54 0.85 8.84
CA GLY B 106 -7.74 1.90 9.45
C GLY B 106 -6.82 1.41 10.56
N PHE B 107 -7.03 0.19 11.05
CA PHE B 107 -6.31 -0.28 12.21
C PHE B 107 -4.83 -0.56 11.91
N ALA B 108 -4.56 -1.34 10.86
CA ALA B 108 -3.17 -1.62 10.51
C ALA B 108 -2.41 -0.35 10.19
N GLN B 109 -3.06 0.60 9.53
CA GLN B 109 -2.39 1.83 9.17
C GLN B 109 -1.89 2.58 10.40
N LYS B 110 -2.66 2.53 11.50
CA LYS B 110 -2.29 3.30 12.66
C LYS B 110 -1.15 2.63 13.43
N TRP B 111 -1.20 1.31 13.47
CA TRP B 111 -0.38 0.62 14.48
C TRP B 111 0.78 -0.28 14.03
N HIS B 112 0.74 -0.79 12.79
CA HIS B 112 1.81 -1.67 12.34
C HIS B 112 3.17 -1.02 12.32
N GLN B 113 3.30 0.15 11.68
CA GLN B 113 4.64 0.70 11.48
C GLN B 113 5.37 1.04 12.80
N PRO B 114 4.67 1.65 13.78
CA PRO B 114 5.39 1.89 15.05
C PRO B 114 5.93 0.62 15.70
N ILE B 115 5.21 -0.50 15.61
CA ILE B 115 5.71 -1.78 16.14
C ILE B 115 6.87 -2.28 15.30
N LEU B 116 6.71 -2.27 13.96
CA LEU B 116 7.76 -2.69 13.05
C LEU B 116 9.06 -1.87 13.27
N ASP B 117 8.92 -0.59 13.63
CA ASP B 117 10.06 0.27 13.94
C ASP B 117 10.86 -0.23 15.15
N LEU B 118 10.27 -1.09 15.97
CA LEU B 118 10.98 -1.70 17.13
C LEU B 118 11.41 -3.12 16.84
N LEU B 119 11.35 -3.51 15.57
CA LEU B 119 11.79 -4.85 15.13
C LEU B 119 12.86 -4.75 14.04
N PRO B 120 14.07 -4.32 14.43
CA PRO B 120 15.08 -3.96 13.46
C PRO B 120 15.61 -5.16 12.68
N ASP B 121 15.43 -6.38 13.20
CA ASP B 121 15.98 -7.57 12.56
C ASP B 121 15.10 -8.33 11.55
N ILE B 122 13.91 -7.82 11.23
CA ILE B 122 13.04 -8.49 10.27
C ILE B 122 13.70 -8.60 8.89
N GLN B 123 13.75 -9.81 8.36
CA GLN B 123 14.32 -10.08 7.04
C GLN B 123 13.27 -10.61 6.07
N LEU B 124 12.13 -11.07 6.59
CA LEU B 124 11.03 -11.62 5.75
C LEU B 124 9.69 -11.36 6.43
N THR B 125 8.72 -10.93 5.62
CA THR B 125 7.33 -10.82 6.07
C THR B 125 6.44 -11.76 5.29
N ILE B 126 5.83 -12.71 6.00
CA ILE B 126 4.93 -13.70 5.39
C ILE B 126 3.49 -13.16 5.42
N LEU B 127 2.82 -13.08 4.27
CA LEU B 127 1.50 -12.42 4.17
C LEU B 127 0.45 -13.50 3.94
N ILE B 128 -0.31 -13.83 4.99
CA ILE B 128 -1.22 -14.99 4.92
C ILE B 128 -2.66 -14.53 4.68
N GLY B 129 -3.22 -14.82 3.51
CA GLY B 129 -4.61 -14.49 3.21
C GLY B 129 -4.78 -13.18 2.46
N ASN B 130 -6.02 -12.89 2.06
CA ASN B 130 -6.31 -11.76 1.20
C ASN B 130 -6.08 -10.44 1.89
N TYR B 131 -6.55 -10.29 3.13
CA TYR B 131 -6.42 -8.97 3.78
C TYR B 131 -4.95 -8.52 3.91
N ALA B 132 -4.10 -9.44 4.35
CA ALA B 132 -2.69 -9.12 4.49
C ALA B 132 -2.06 -8.78 3.14
N GLN B 133 -2.38 -9.57 2.13
CA GLN B 133 -1.78 -9.37 0.80
C GLN B 133 -2.25 -8.11 0.14
N LYS B 134 -3.55 -7.85 0.14
CA LYS B 134 -4.02 -6.67 -0.53
C LYS B 134 -3.45 -5.41 0.09
N TYR B 135 -3.29 -5.41 1.42
CA TYR B 135 -2.66 -4.27 2.11
C TYR B 135 -1.16 -4.13 1.83
N TYR B 136 -0.38 -5.15 2.17
CA TYR B 136 1.07 -5.02 2.08
C TYR B 136 1.61 -5.00 0.65
N LEU B 137 0.90 -5.66 -0.27
CA LEU B 137 1.27 -5.63 -1.70
C LEU B 137 0.50 -4.59 -2.52
N HIS B 138 -0.32 -3.79 -1.82
CA HIS B 138 -1.12 -2.69 -2.43
C HIS B 138 -1.79 -3.16 -3.72
N GLN B 139 -2.62 -4.22 -3.59
CA GLN B 139 -3.35 -4.79 -4.72
C GLN B 139 -4.83 -4.43 -4.70
N LYS B 140 -5.43 -4.29 -5.88
CA LYS B 140 -6.87 -4.09 -6.00
C LYS B 140 -7.59 -5.36 -5.54
N SER B 141 -8.84 -5.22 -5.08
CA SER B 141 -9.58 -6.37 -4.52
C SER B 141 -9.80 -7.47 -5.57
N SER B 142 -9.84 -7.07 -6.84
CA SER B 142 -10.04 -7.95 -7.99
C SER B 142 -8.91 -8.97 -8.20
N VAL B 143 -7.74 -8.73 -7.61
CA VAL B 143 -6.59 -9.60 -7.81
C VAL B 143 -6.88 -10.90 -7.09
N LYS B 144 -6.59 -12.03 -7.73
CA LYS B 144 -6.75 -13.35 -7.09
C LYS B 144 -5.62 -13.80 -6.23
N LEU B 145 -5.98 -14.16 -4.99
CA LEU B 145 -5.07 -14.77 -4.04
CA LEU B 145 -5.03 -14.74 -4.04
C LEU B 145 -4.20 -15.87 -4.69
N THR B 146 -4.85 -16.77 -5.43
CA THR B 146 -4.12 -17.89 -6.07
C THR B 146 -2.99 -17.40 -6.96
N ASP B 147 -3.28 -16.35 -7.74
CA ASP B 147 -2.32 -15.78 -8.68
CA ASP B 147 -2.32 -15.79 -8.67
C ASP B 147 -1.14 -15.15 -7.94
N THR B 148 -1.42 -14.45 -6.83
CA THR B 148 -0.38 -13.81 -6.05
C THR B 148 0.57 -14.87 -5.51
N VAL B 149 0.00 -15.95 -4.99
CA VAL B 149 0.82 -17.00 -4.40
C VAL B 149 1.64 -17.74 -5.49
N ALA B 150 1.03 -17.97 -6.65
CA ALA B 150 1.75 -18.51 -7.82
C ALA B 150 2.98 -17.65 -8.17
N HIS B 151 2.80 -16.35 -8.05
CA HIS B 151 3.85 -15.33 -8.34
C HIS B 151 4.64 -14.87 -7.13
N TYR B 152 4.81 -15.77 -6.15
CA TYR B 152 5.42 -15.39 -4.89
C TYR B 152 6.84 -14.86 -5.10
N LYS B 153 7.54 -15.40 -6.12
CA LYS B 153 8.90 -14.92 -6.40
C LYS B 153 8.97 -13.42 -6.69
N LYS B 154 7.89 -12.83 -7.24
CA LYS B 154 7.89 -11.39 -7.59
C LYS B 154 8.07 -10.50 -6.35
N TYR B 155 7.63 -10.98 -5.20
CA TYR B 155 7.46 -10.17 -3.99
C TYR B 155 8.61 -10.29 -3.01
N LEU B 156 9.43 -11.33 -3.21
CA LEU B 156 10.66 -11.52 -2.46
C LEU B 156 11.77 -10.54 -2.90
N PRO B 157 12.77 -10.29 -2.02
CA PRO B 157 13.04 -10.80 -0.68
C PRO B 157 12.10 -10.32 0.47
N ASP B 158 11.42 -9.20 0.31
CA ASP B 158 10.67 -8.63 1.44
C ASP B 158 9.43 -9.43 1.88
N TYR B 159 8.68 -9.98 0.93
CA TYR B 159 7.35 -10.57 1.24
C TYR B 159 7.18 -11.92 0.61
N PHE B 160 6.50 -12.80 1.34
CA PHE B 160 6.15 -14.12 0.82
C PHE B 160 4.67 -14.39 1.06
N PRO B 161 3.86 -14.27 -0.02
CA PRO B 161 2.43 -14.52 0.12
C PRO B 161 2.12 -16.02 0.24
N LEU B 162 1.20 -16.38 1.15
CA LEU B 162 0.68 -17.73 1.33
C LEU B 162 -0.84 -17.75 1.38
N VAL B 163 -1.42 -18.92 1.10
CA VAL B 163 -2.83 -19.17 1.44
C VAL B 163 -2.94 -19.52 2.94
N HIS B 164 -4.13 -19.40 3.52
CA HIS B 164 -4.34 -19.95 4.91
C HIS B 164 -4.26 -21.48 4.95
N PRO B 165 -3.77 -22.01 6.05
CA PRO B 165 -3.71 -23.48 6.15
C PRO B 165 -5.03 -24.16 6.63
N SER B 166 -6.16 -23.60 6.17
CA SER B 166 -7.57 -24.01 6.41
C SER B 166 -8.03 -25.35 5.78
N PRO B 167 -9.27 -25.80 6.11
CA PRO B 167 -9.76 -27.12 5.63
C PRO B 167 -10.08 -27.11 4.16
N ARG B 168 -10.61 -25.98 3.69
CA ARG B 168 -10.96 -25.80 2.29
C ARG B 168 -9.69 -25.75 1.45
N ASN B 169 -8.54 -25.53 2.10
CA ASN B 169 -7.35 -25.42 1.29
C ASN B 169 -6.71 -26.77 0.94
N GLN B 170 -7.27 -27.88 1.45
CA GLN B 170 -6.82 -29.22 1.08
CA GLN B 170 -6.81 -29.22 1.08
C GLN B 170 -7.09 -29.51 -0.41
N ILE B 171 -8.33 -29.27 -0.86
CA ILE B 171 -8.68 -29.40 -2.27
C ILE B 171 -7.90 -28.37 -3.11
N TRP B 172 -7.76 -27.15 -2.60
CA TRP B 172 -6.98 -26.15 -3.30
C TRP B 172 -5.55 -26.61 -3.56
N SER B 174 -4.52 -29.73 -3.87
CA SER B 174 -4.59 -30.78 -4.90
C SER B 174 -4.67 -30.17 -6.27
N ARG B 175 -5.45 -29.10 -6.39
CA ARG B 175 -5.65 -28.43 -7.66
C ARG B 175 -4.49 -27.49 -8.08
N HIS B 176 -3.56 -27.23 -7.16
CA HIS B 176 -2.42 -26.34 -7.37
C HIS B 176 -1.15 -27.02 -6.81
N PRO B 177 -0.75 -28.14 -7.44
CA PRO B 177 0.29 -28.98 -6.81
C PRO B 177 1.66 -28.27 -6.74
N TRP B 178 1.81 -27.23 -7.55
CA TRP B 178 2.99 -26.35 -7.47
C TRP B 178 3.19 -25.72 -6.09
N PHE B 179 2.12 -25.61 -5.30
CA PHE B 179 2.24 -25.00 -3.96
C PHE B 179 3.11 -25.89 -3.06
N GLU B 180 2.71 -27.15 -2.89
CA GLU B 180 3.54 -28.05 -2.08
C GLU B 180 4.83 -28.45 -2.78
N ALA B 181 4.83 -28.44 -4.11
CA ALA B 181 5.97 -28.96 -4.85
C ALA B 181 7.09 -27.94 -5.00
N GLN B 182 6.78 -26.65 -5.01
CA GLN B 182 7.76 -25.63 -5.32
C GLN B 182 7.73 -24.52 -4.29
N VAL B 183 6.53 -24.02 -4.00
CA VAL B 183 6.42 -22.80 -3.15
C VAL B 183 6.89 -23.12 -1.72
N VAL B 184 6.32 -24.16 -1.13
CA VAL B 184 6.62 -24.52 0.25
C VAL B 184 8.12 -24.93 0.51
N PRO B 185 8.74 -25.72 -0.38
CA PRO B 185 10.18 -25.96 -0.20
C PRO B 185 11.04 -24.69 -0.25
N ASP B 186 10.65 -23.70 -1.06
CA ASP B 186 11.38 -22.43 -1.10
C ASP B 186 11.19 -21.67 0.24
N LEU B 187 9.95 -21.67 0.73
CA LEU B 187 9.63 -21.07 2.03
C LEU B 187 10.52 -21.69 3.10
N LYS B 188 10.65 -23.02 3.10
CA LYS B 188 11.51 -23.68 4.10
C LYS B 188 12.97 -23.22 4.01
N LYS B 189 13.47 -23.17 2.78
CA LYS B 189 14.87 -22.87 2.50
C LYS B 189 15.18 -21.46 2.97
N ILE B 190 14.30 -20.51 2.60
CA ILE B 190 14.46 -19.12 2.96
C ILE B 190 14.43 -18.90 4.47
N ILE B 191 13.48 -19.53 5.14
CA ILE B 191 13.39 -19.42 6.60
C ILE B 191 14.65 -19.99 7.29
N GLN B 192 15.14 -21.15 6.85
CA GLN B 192 16.36 -21.71 7.46
C GLN B 192 17.55 -20.78 7.27
N GLN B 193 17.63 -20.14 6.11
CA GLN B 193 18.72 -19.19 5.84
C GLN B 193 18.68 -18.02 6.82
N ILE B 194 17.47 -17.53 7.09
CA ILE B 194 17.29 -16.41 8.04
C ILE B 194 17.55 -16.81 9.50
N ILE B 195 17.03 -17.95 9.93
CA ILE B 195 17.10 -18.27 11.36
C ILE B 195 18.38 -18.95 11.82
N GLN B 196 19.15 -19.49 10.87
CA GLN B 196 20.46 -20.04 11.19
CA GLN B 196 20.47 -20.04 11.17
C GLN B 196 21.52 -18.96 10.90
N SER B 197 21.10 -17.89 10.21
CA SER B 197 21.97 -16.70 9.95
C SER B 197 22.38 -16.06 11.29
N SER B 198 21.93 -16.69 12.38
CA SER B 198 22.35 -16.43 13.76
C SER B 198 21.27 -16.88 14.78
#